data_9Q0B
#
_entry.id   9Q0B
#
_cell.length_a   47.460
_cell.length_b   81.960
_cell.length_c   129.074
_cell.angle_alpha   90.000
_cell.angle_beta   96.145
_cell.angle_gamma   90.000
#
_symmetry.space_group_name_H-M   'I 1 2 1'
#
loop_
_entity.id
_entity.type
_entity.pdbx_description
1 polymer 'Beta-lactamase CTX-M-15'
2 polymer 'Beta-lactamase inhibitory protein'
3 water water
#
loop_
_entity_poly.entity_id
_entity_poly.type
_entity_poly.pdbx_seq_one_letter_code
_entity_poly.pdbx_strand_id
1 'polypeptide(L)'
;ADVQQKLAELERQSGGRLGVALINTADNSQILYRADERFAMCSTSKVMAAAAVLKKSESEPNLLNQRVEIKKSDLVNYNP
IAEKHVNGTMSLAELSAAALQYSDNVAMNKLIAHVGGPASVTAFARQLGDETFRLDRTEPTLNTAIPGDPRDTTSPRAMA
QTLRNLTLGKALGDSQRAQLVTWMKGNTTGAASIQAGLPASWVVGDKTGSGGYGTTNDIAVIWPKDRAPLILVTYFTQPQ
PKAESRRDVLASAAKIVTDGL
;
A
2 'polypeptide(L)'
;GVMTGAKFTQIQFGMTRQQVLDIAGAENCETGGSFGDSIHCRGHAAGDYYAYATFGFTSAAADAKVDSKSQWKLLAPSAP
TLTLAKFNQVTVGMTRAQVLATVGQGSCTTWSEYYPAYPSTAGVTLSLSCFDVDGYSSTGFYRGSAHLWFTDGVLQGKRQ
WDLV
;
B
#
# COMPACT_ATOMS: atom_id res chain seq x y z
N ALA A 1 -29.38 -5.51 -18.86
CA ALA A 1 -28.73 -5.42 -20.16
C ALA A 1 -28.24 -4.01 -20.43
N ASP A 2 -29.01 -3.01 -19.97
CA ASP A 2 -28.59 -1.62 -20.11
C ASP A 2 -27.34 -1.35 -19.28
N VAL A 3 -27.30 -1.86 -18.04
CA VAL A 3 -26.10 -1.74 -17.21
C VAL A 3 -24.93 -2.48 -17.83
N GLN A 4 -25.20 -3.65 -18.42
CA GLN A 4 -24.15 -4.42 -19.07
C GLN A 4 -23.56 -3.67 -20.25
N GLN A 5 -24.41 -3.02 -21.05
CA GLN A 5 -23.93 -2.27 -22.20
C GLN A 5 -23.09 -1.07 -21.75
N LYS A 6 -23.48 -0.44 -20.65
CA LYS A 6 -22.72 0.71 -20.16
C LYS A 6 -21.37 0.28 -19.63
N LEU A 7 -21.30 -0.86 -18.94
CA LEU A 7 -20.01 -1.33 -18.47
C LEU A 7 -19.12 -1.75 -19.63
N ALA A 8 -19.70 -2.40 -20.65
CA ALA A 8 -18.90 -2.79 -21.81
C ALA A 8 -18.33 -1.57 -22.52
N GLU A 9 -19.13 -0.51 -22.66
CA GLU A 9 -18.63 0.68 -23.35
C GLU A 9 -17.60 1.41 -22.49
N LEU A 10 -17.79 1.44 -21.17
CA LEU A 10 -16.76 1.97 -20.27
C LEU A 10 -15.44 1.22 -20.47
N GLU A 11 -15.51 -0.12 -20.48
CA GLU A 11 -14.31 -0.91 -20.68
C GLU A 11 -13.67 -0.61 -22.02
N ARG A 12 -14.48 -0.47 -23.08
CA ARG A 12 -13.95 -0.20 -24.41
C ARG A 12 -13.28 1.18 -24.47
N GLN A 13 -13.95 2.20 -23.95
CA GLN A 13 -13.34 3.53 -23.93
C GLN A 13 -12.05 3.55 -23.12
N SER A 14 -11.99 2.76 -22.05
CA SER A 14 -10.84 2.77 -21.14
C SER A 14 -9.61 2.08 -21.71
N GLY A 15 -9.78 1.20 -22.70
CA GLY A 15 -8.68 0.49 -23.30
C GLY A 15 -8.21 -0.74 -22.55
N GLY A 16 -8.84 -1.08 -21.42
CA GLY A 16 -8.37 -2.18 -20.62
C GLY A 16 -9.39 -3.29 -20.41
N ARG A 17 -9.25 -4.03 -19.32
CA ARG A 17 -10.12 -5.13 -18.95
C ARG A 17 -10.72 -4.85 -17.58
N LEU A 18 -12.05 -4.88 -17.51
CA LEU A 18 -12.79 -4.45 -16.32
C LEU A 18 -13.56 -5.62 -15.73
N GLY A 19 -13.47 -5.79 -14.42
CA GLY A 19 -14.29 -6.77 -13.73
C GLY A 19 -15.10 -6.14 -12.61
N VAL A 20 -16.39 -6.47 -12.53
CA VAL A 20 -17.29 -5.83 -11.56
C VAL A 20 -18.17 -6.89 -10.94
N ALA A 21 -18.33 -6.82 -9.62
CA ALA A 21 -19.37 -7.59 -8.94
C ALA A 21 -20.00 -6.72 -7.87
N LEU A 22 -21.30 -6.46 -8.02
CA LEU A 22 -22.11 -5.76 -7.03
C LEU A 22 -23.05 -6.76 -6.40
N ILE A 23 -23.10 -6.79 -5.07
CA ILE A 23 -24.13 -7.50 -4.31
C ILE A 23 -24.99 -6.46 -3.60
N ASN A 24 -26.30 -6.50 -3.83
CA ASN A 24 -27.24 -5.69 -3.08
C ASN A 24 -27.88 -6.58 -2.02
N THR A 25 -27.55 -6.33 -0.75
CA THR A 25 -28.06 -7.21 0.30
C THR A 25 -29.52 -6.99 0.62
N ALA A 26 -30.14 -5.97 0.03
CA ALA A 26 -31.59 -5.80 0.20
C ALA A 26 -32.35 -6.99 -0.37
N ASP A 27 -31.92 -7.49 -1.53
CA ASP A 27 -32.60 -8.59 -2.19
C ASP A 27 -31.66 -9.68 -2.67
N ASN A 28 -30.38 -9.64 -2.29
CA ASN A 28 -29.36 -10.58 -2.74
C ASN A 28 -29.19 -10.60 -4.26
N SER A 29 -29.56 -9.51 -4.94
CA SER A 29 -29.33 -9.43 -6.37
C SER A 29 -27.89 -9.04 -6.65
N GLN A 30 -27.44 -9.33 -7.86
CA GLN A 30 -26.07 -9.05 -8.26
C GLN A 30 -26.02 -8.41 -9.63
N ILE A 31 -25.01 -7.58 -9.84
CA ILE A 31 -24.64 -7.09 -11.16
C ILE A 31 -23.22 -7.58 -11.41
N LEU A 32 -23.02 -8.31 -12.50
CA LEU A 32 -21.78 -9.05 -12.74
C LEU A 32 -21.24 -8.67 -14.12
N TYR A 33 -19.94 -8.37 -14.18
CA TYR A 33 -19.27 -8.11 -15.45
C TYR A 33 -17.89 -8.72 -15.39
N ARG A 34 -17.62 -9.70 -16.26
CA ARG A 34 -16.39 -10.51 -16.20
C ARG A 34 -16.16 -11.03 -14.79
N ALA A 35 -17.25 -11.36 -14.09
CA ALA A 35 -17.15 -11.64 -12.66
C ALA A 35 -16.52 -12.98 -12.35
N ASP A 36 -16.32 -13.84 -13.35
CA ASP A 36 -15.64 -15.11 -13.13
C ASP A 36 -14.25 -15.14 -13.74
N GLU A 37 -13.79 -14.03 -14.30
CA GLU A 37 -12.41 -13.94 -14.74
C GLU A 37 -11.50 -13.58 -13.57
N ARG A 38 -10.24 -13.98 -13.69
CA ARG A 38 -9.24 -13.69 -12.66
C ARG A 38 -8.60 -12.34 -12.91
N PHE A 39 -8.37 -11.61 -11.81
CA PHE A 39 -7.68 -10.32 -11.80
C PHE A 39 -6.68 -10.32 -10.66
N ALA A 40 -5.52 -9.70 -10.89
CA ALA A 40 -4.55 -9.51 -9.82
C ALA A 40 -5.14 -8.61 -8.73
N MET A 41 -5.12 -9.09 -7.48
CA MET A 41 -5.78 -8.39 -6.39
C MET A 41 -4.99 -7.17 -5.95
N CYS A 42 -3.66 -7.23 -6.06
CA CYS A 42 -2.77 -6.22 -5.50
C CYS A 42 -3.18 -5.94 -4.05
N SER A 43 -3.15 -4.68 -3.62
CA SER A 43 -3.37 -4.42 -2.19
C SER A 43 -4.77 -4.73 -1.70
N THR A 44 -5.73 -5.04 -2.59
CA THR A 44 -7.01 -5.46 -2.03
C THR A 44 -6.88 -6.75 -1.24
N SER A 45 -5.82 -7.54 -1.47
CA SER A 45 -5.58 -8.73 -0.68
C SER A 45 -5.24 -8.43 0.78
N LYS A 46 -4.94 -7.18 1.12
CA LYS A 46 -4.65 -6.87 2.52
C LYS A 46 -5.88 -7.11 3.39
N VAL A 47 -7.09 -6.98 2.82
CA VAL A 47 -8.30 -7.28 3.58
C VAL A 47 -8.31 -8.72 4.04
N MET A 48 -7.95 -9.66 3.14
CA MET A 48 -7.95 -11.07 3.50
C MET A 48 -6.88 -11.39 4.54
N ALA A 49 -5.69 -10.79 4.42
CA ALA A 49 -4.66 -11.05 5.40
C ALA A 49 -5.06 -10.52 6.78
N ALA A 50 -5.61 -9.30 6.82
CA ALA A 50 -6.10 -8.76 8.09
C ALA A 50 -7.21 -9.64 8.67
N ALA A 51 -8.12 -10.11 7.81
CA ALA A 51 -9.22 -10.93 8.29
C ALA A 51 -8.72 -12.27 8.81
N ALA A 52 -7.67 -12.83 8.19
CA ALA A 52 -7.12 -14.10 8.67
C ALA A 52 -6.57 -13.94 10.07
N VAL A 53 -5.94 -12.80 10.36
CA VAL A 53 -5.43 -12.54 11.71
C VAL A 53 -6.59 -12.32 12.68
N LEU A 54 -7.64 -11.62 12.24
CA LEU A 54 -8.82 -11.49 13.08
C LEU A 54 -9.43 -12.85 13.42
N LYS A 55 -9.52 -13.74 12.43
CA LYS A 55 -10.07 -15.07 12.70
C LYS A 55 -9.22 -15.80 13.72
N LYS A 56 -7.90 -15.71 13.60
CA LYS A 56 -7.01 -16.31 14.58
C LYS A 56 -7.26 -15.74 15.98
N SER A 57 -7.56 -14.44 16.07
CA SER A 57 -7.77 -13.83 17.38
C SER A 57 -9.02 -14.35 18.07
N GLU A 58 -9.92 -15.00 17.34
CA GLU A 58 -11.09 -15.59 18.00
C GLU A 58 -10.67 -16.72 18.91
N SER A 59 -9.54 -17.36 18.63
CA SER A 59 -8.98 -18.38 19.49
C SER A 59 -7.90 -17.85 20.42
N GLU A 60 -7.46 -16.60 20.21
CA GLU A 60 -6.43 -15.96 21.04
C GLU A 60 -6.78 -14.50 21.22
N PRO A 61 -7.68 -14.18 22.15
CA PRO A 61 -8.28 -12.83 22.14
C PRO A 61 -7.36 -11.67 22.52
N ASN A 62 -6.13 -11.91 22.98
CA ASN A 62 -5.19 -10.81 23.17
C ASN A 62 -4.28 -10.63 21.96
N LEU A 63 -4.56 -11.33 20.86
CA LEU A 63 -3.62 -11.43 19.75
C LEU A 63 -3.29 -10.07 19.14
N LEU A 64 -4.29 -9.20 18.99
CA LEU A 64 -4.03 -7.91 18.35
C LEU A 64 -3.09 -7.05 19.18
N ASN A 65 -2.91 -7.35 20.46
CA ASN A 65 -1.97 -6.60 21.29
C ASN A 65 -0.55 -7.19 21.29
N GLN A 66 -0.34 -8.34 20.65
CA GLN A 66 0.99 -8.93 20.58
C GLN A 66 1.93 -8.09 19.71
N ARG A 67 3.19 -7.97 20.14
CA ARG A 67 4.16 -7.13 19.47
C ARG A 67 4.92 -7.91 18.40
N VAL A 68 5.27 -7.21 17.31
CA VAL A 68 6.02 -7.75 16.19
C VAL A 68 7.21 -6.83 15.93
N GLU A 69 8.41 -7.41 15.82
CA GLU A 69 9.62 -6.63 15.55
C GLU A 69 9.68 -6.19 14.09
N ILE A 70 10.12 -4.95 13.88
CA ILE A 70 10.33 -4.38 12.55
C ILE A 70 11.83 -4.15 12.38
N LYS A 71 12.40 -4.71 11.29
CA LYS A 71 13.82 -4.58 11.00
C LYS A 71 14.01 -4.03 9.59
N LYS A 72 15.21 -3.52 9.31
CA LYS A 72 15.48 -3.02 7.96
C LYS A 72 15.32 -4.11 6.92
N SER A 73 15.63 -5.37 7.27
CA SER A 73 15.46 -6.45 6.32
C SER A 73 14.00 -6.66 5.93
N ASP A 74 13.07 -6.12 6.72
CA ASP A 74 11.65 -6.25 6.40
C ASP A 74 11.18 -5.28 5.34
N LEU A 75 11.88 -4.16 5.12
CA LEU A 75 11.32 -3.10 4.29
C LEU A 75 11.15 -3.55 2.84
N VAL A 76 10.02 -3.14 2.23
CA VAL A 76 9.60 -3.66 0.93
C VAL A 76 8.93 -2.57 0.10
N ASN A 77 9.71 -1.57 -0.27
CA ASN A 77 9.42 -0.51 -1.24
C ASN A 77 8.48 0.58 -0.74
N TYR A 78 7.43 0.21 -0.01
CA TYR A 78 6.45 1.20 0.45
C TYR A 78 6.00 0.79 1.84
N ASN A 79 6.34 1.58 2.86
CA ASN A 79 5.99 1.19 4.23
C ASN A 79 6.05 2.42 5.13
N PRO A 80 5.09 3.32 5.00
CA PRO A 80 5.20 4.62 5.68
C PRO A 80 5.01 4.55 7.18
N ILE A 81 4.30 3.54 7.69
CA ILE A 81 4.14 3.39 9.12
C ILE A 81 5.23 2.51 9.71
N ALA A 82 5.50 1.37 9.09
CA ALA A 82 6.49 0.46 9.65
C ALA A 82 7.88 1.09 9.70
N GLU A 83 8.22 1.94 8.72
CA GLU A 83 9.57 2.51 8.74
C GLU A 83 9.79 3.41 9.97
N LYS A 84 8.73 3.95 10.56
CA LYS A 84 8.84 4.70 11.81
C LYS A 84 9.27 3.82 12.97
N HIS A 85 9.09 2.50 12.86
CA HIS A 85 9.31 1.60 13.98
C HIS A 85 10.43 0.60 13.74
N VAL A 86 11.35 0.90 12.81
CA VAL A 86 12.49 0.03 12.59
C VAL A 86 13.30 -0.06 13.87
N ASN A 87 13.75 -1.27 14.19
CA ASN A 87 14.45 -1.61 15.43
C ASN A 87 13.55 -1.43 16.65
N GLY A 88 12.24 -1.35 16.43
CA GLY A 88 11.23 -1.35 17.48
C GLY A 88 10.16 -2.37 17.14
N THR A 89 8.94 -2.18 17.65
CA THR A 89 7.86 -3.12 17.42
C THR A 89 6.59 -2.37 17.06
N MET A 90 5.64 -3.12 16.48
CA MET A 90 4.26 -2.71 16.31
C MET A 90 3.36 -3.85 16.78
N SER A 91 2.19 -3.50 17.31
CA SER A 91 1.24 -4.55 17.62
C SER A 91 0.55 -5.04 16.35
N LEU A 92 -0.06 -6.23 16.44
CA LEU A 92 -0.82 -6.74 15.31
C LEU A 92 -2.01 -5.83 15.00
N ALA A 93 -2.60 -5.16 16.00
CA ALA A 93 -3.60 -4.14 15.70
C ALA A 93 -3.02 -3.01 14.86
N GLU A 94 -1.84 -2.51 15.24
CA GLU A 94 -1.22 -1.43 14.49
C GLU A 94 -0.86 -1.88 13.08
N LEU A 95 -0.40 -3.12 12.93
CA LEU A 95 -0.06 -3.63 11.60
C LEU A 95 -1.32 -3.77 10.75
N SER A 96 -2.41 -4.29 11.33
CA SER A 96 -3.67 -4.38 10.59
C SER A 96 -4.14 -3.01 10.13
N ALA A 97 -4.17 -2.05 11.06
CA ALA A 97 -4.59 -0.70 10.69
C ALA A 97 -3.67 -0.08 9.64
N ALA A 98 -2.36 -0.31 9.75
CA ALA A 98 -1.44 0.26 8.77
C ALA A 98 -1.64 -0.36 7.40
N ALA A 99 -1.87 -1.68 7.36
CA ALA A 99 -2.14 -2.34 6.09
C ALA A 99 -3.42 -1.83 5.46
N LEU A 100 -4.48 -1.66 6.26
CA LEU A 100 -5.78 -1.34 5.70
C LEU A 100 -5.99 0.15 5.45
N GLN A 101 -5.32 1.01 6.23
CA GLN A 101 -5.55 2.44 6.13
C GLN A 101 -4.43 3.18 5.42
N TYR A 102 -3.22 2.61 5.37
CA TYR A 102 -2.13 3.21 4.61
C TYR A 102 -1.59 2.27 3.54
N SER A 103 -2.12 1.05 3.43
CA SER A 103 -1.61 0.08 2.46
C SER A 103 -0.15 -0.27 2.68
N ASP A 104 0.31 -0.19 3.93
CA ASP A 104 1.72 -0.42 4.26
C ASP A 104 2.13 -1.86 3.92
N ASN A 105 3.21 -1.99 3.14
CA ASN A 105 3.60 -3.31 2.63
C ASN A 105 4.25 -4.19 3.69
N VAL A 106 5.05 -3.60 4.58
CA VAL A 106 5.61 -4.36 5.69
C VAL A 106 4.50 -4.90 6.55
N ALA A 107 3.49 -4.06 6.82
CA ALA A 107 2.36 -4.51 7.62
C ALA A 107 1.70 -5.72 7.00
N MET A 108 1.44 -5.68 5.69
CA MET A 108 0.91 -6.84 5.00
C MET A 108 1.79 -8.07 5.20
N ASN A 109 3.11 -7.92 5.00
CA ASN A 109 3.97 -9.09 5.12
C ASN A 109 4.00 -9.63 6.54
N LYS A 110 3.87 -8.77 7.56
CA LYS A 110 3.80 -9.30 8.92
C LYS A 110 2.50 -10.04 9.17
N LEU A 111 1.40 -9.59 8.58
CA LEU A 111 0.13 -10.31 8.74
C LEU A 111 0.21 -11.67 8.06
N ILE A 112 0.75 -11.69 6.84
CA ILE A 112 0.93 -12.96 6.13
C ILE A 112 1.79 -13.89 6.95
N ALA A 113 2.94 -13.40 7.43
CA ALA A 113 3.85 -14.26 8.16
C ALA A 113 3.21 -14.77 9.44
N HIS A 114 2.40 -13.94 10.07
CA HIS A 114 1.84 -14.35 11.36
C HIS A 114 0.99 -15.60 11.23
N VAL A 115 0.19 -15.69 10.16
CA VAL A 115 -0.67 -16.86 9.99
C VAL A 115 0.02 -18.03 9.32
N GLY A 116 1.25 -17.84 8.81
CA GLY A 116 2.06 -18.95 8.34
C GLY A 116 2.51 -18.89 6.90
N GLY A 117 2.21 -17.77 6.22
CA GLY A 117 2.64 -17.55 4.86
C GLY A 117 1.48 -17.43 3.89
N PRO A 118 1.78 -17.14 2.61
CA PRO A 118 0.69 -16.95 1.64
C PRO A 118 -0.26 -18.14 1.53
N ALA A 119 0.27 -19.37 1.59
CA ALA A 119 -0.62 -20.53 1.48
C ALA A 119 -1.58 -20.62 2.65
N SER A 120 -1.19 -20.09 3.82
CA SER A 120 -2.11 -20.08 4.96
C SER A 120 -3.21 -19.04 4.81
N VAL A 121 -2.93 -17.91 4.16
CA VAL A 121 -4.00 -16.97 3.85
C VAL A 121 -4.98 -17.61 2.88
N THR A 122 -4.46 -18.31 1.87
CA THR A 122 -5.32 -19.04 0.94
C THR A 122 -6.16 -20.08 1.67
N ALA A 123 -5.57 -20.79 2.63
CA ALA A 123 -6.32 -21.78 3.39
C ALA A 123 -7.45 -21.13 4.18
N PHE A 124 -7.20 -19.95 4.76
CA PHE A 124 -8.27 -19.20 5.41
C PHE A 124 -9.40 -18.90 4.43
N ALA A 125 -9.07 -18.49 3.20
CA ALA A 125 -10.11 -18.24 2.22
C ALA A 125 -10.93 -19.50 1.95
N ARG A 126 -10.25 -20.63 1.83
CA ARG A 126 -10.95 -21.89 1.58
C ARG A 126 -11.91 -22.22 2.72
N GLN A 127 -11.51 -21.93 3.96
CA GLN A 127 -12.35 -22.20 5.11
C GLN A 127 -13.62 -21.36 5.10
N LEU A 128 -13.61 -20.21 4.41
CA LEU A 128 -14.78 -19.37 4.24
C LEU A 128 -15.63 -19.80 3.04
N GLY A 129 -15.24 -20.85 2.34
CA GLY A 129 -15.94 -21.28 1.15
C GLY A 129 -15.50 -20.61 -0.13
N ASP A 130 -14.40 -19.87 -0.11
CA ASP A 130 -13.86 -19.20 -1.30
C ASP A 130 -12.84 -20.13 -1.94
N GLU A 131 -13.20 -20.71 -3.10
CA GLU A 131 -12.33 -21.63 -3.81
C GLU A 131 -11.52 -20.95 -4.90
N THR A 132 -11.69 -19.64 -5.08
CA THR A 132 -11.07 -18.90 -6.17
C THR A 132 -9.83 -18.12 -5.74
N PHE A 133 -9.91 -17.46 -4.58
CA PHE A 133 -8.81 -16.67 -4.06
C PHE A 133 -7.52 -17.48 -4.00
N ARG A 134 -6.42 -16.87 -4.42
CA ARG A 134 -5.12 -17.47 -4.13
C ARG A 134 -4.11 -16.37 -3.84
N LEU A 135 -3.44 -16.49 -2.71
CA LEU A 135 -2.30 -15.65 -2.38
C LEU A 135 -1.04 -16.51 -2.51
N ASP A 136 -0.14 -16.12 -3.40
CA ASP A 136 1.07 -16.84 -3.74
C ASP A 136 2.34 -16.16 -3.25
N ARG A 137 2.35 -14.84 -3.27
CA ARG A 137 3.57 -14.09 -3.02
C ARG A 137 3.33 -13.07 -1.92
N THR A 138 4.45 -12.58 -1.39
CA THR A 138 4.46 -11.50 -0.43
C THR A 138 4.61 -10.16 -1.15
N GLU A 139 4.54 -9.08 -0.38
CA GLU A 139 4.92 -7.78 -0.92
C GLU A 139 6.43 -7.72 -1.14
N PRO A 140 6.89 -7.06 -2.22
CA PRO A 140 6.14 -6.29 -3.21
C PRO A 140 5.76 -7.06 -4.46
N THR A 141 6.22 -8.31 -4.62
CA THR A 141 6.06 -8.95 -5.92
C THR A 141 4.64 -9.41 -6.18
N LEU A 142 3.76 -9.42 -5.17
CA LEU A 142 2.39 -9.83 -5.46
C LEU A 142 1.68 -8.85 -6.39
N ASN A 143 2.27 -7.69 -6.70
CA ASN A 143 1.64 -6.67 -7.52
C ASN A 143 2.05 -6.69 -8.99
N THR A 144 2.79 -7.70 -9.45
CA THR A 144 3.29 -7.63 -10.82
C THR A 144 2.15 -7.59 -11.83
N ALA A 145 1.06 -8.30 -11.57
CA ALA A 145 -0.18 -8.23 -12.36
C ALA A 145 0.07 -8.52 -13.85
N ILE A 146 0.86 -9.53 -14.12
CA ILE A 146 1.18 -9.89 -15.51
C ILE A 146 -0.03 -10.57 -16.14
N PRO A 147 -0.48 -10.15 -17.32
CA PRO A 147 -1.64 -10.80 -17.94
C PRO A 147 -1.38 -12.29 -18.12
N GLY A 148 -2.36 -13.10 -17.72
CA GLY A 148 -2.27 -14.53 -17.81
C GLY A 148 -1.71 -15.22 -16.58
N ASP A 149 -1.08 -14.47 -15.68
CA ASP A 149 -0.48 -15.04 -14.48
C ASP A 149 -1.56 -15.19 -13.40
N PRO A 150 -1.87 -16.40 -12.93
CA PRO A 150 -2.91 -16.55 -11.91
C PRO A 150 -2.43 -16.26 -10.49
N ARG A 151 -1.15 -16.00 -10.29
CA ARG A 151 -0.69 -15.79 -8.91
C ARG A 151 -1.36 -14.55 -8.34
N ASP A 152 -1.78 -14.65 -7.07
CA ASP A 152 -2.29 -13.47 -6.34
C ASP A 152 -3.51 -12.88 -7.03
N THR A 153 -4.38 -13.77 -7.51
CA THR A 153 -5.61 -13.36 -8.19
C THR A 153 -6.84 -13.89 -7.49
N THR A 154 -7.97 -13.26 -7.82
CA THR A 154 -9.27 -13.83 -7.54
C THR A 154 -10.24 -13.32 -8.61
N SER A 155 -11.51 -13.70 -8.47
CA SER A 155 -12.52 -13.19 -9.39
C SER A 155 -13.41 -12.17 -8.68
N PRO A 156 -14.02 -11.24 -9.41
CA PRO A 156 -14.95 -10.31 -8.74
C PRO A 156 -16.08 -11.01 -8.00
N ARG A 157 -16.67 -12.07 -8.57
CA ARG A 157 -17.75 -12.76 -7.87
C ARG A 157 -17.26 -13.34 -6.55
N ALA A 158 -16.10 -14.02 -6.57
CA ALA A 158 -15.62 -14.64 -5.34
C ALA A 158 -15.27 -13.59 -4.29
N MET A 159 -14.60 -12.51 -4.69
CA MET A 159 -14.21 -11.52 -3.70
C MET A 159 -15.42 -10.77 -3.15
N ALA A 160 -16.45 -10.53 -3.97
CA ALA A 160 -17.63 -9.87 -3.44
C ALA A 160 -18.35 -10.75 -2.43
N GLN A 161 -18.48 -12.05 -2.71
CA GLN A 161 -19.11 -12.94 -1.75
C GLN A 161 -18.30 -13.03 -0.46
N THR A 162 -16.98 -13.10 -0.58
CA THR A 162 -16.15 -13.21 0.63
C THR A 162 -16.17 -11.93 1.43
N LEU A 163 -16.13 -10.77 0.76
CA LEU A 163 -16.18 -9.52 1.51
C LEU A 163 -17.52 -9.36 2.20
N ARG A 164 -18.60 -9.82 1.56
CA ARG A 164 -19.90 -9.83 2.23
C ARG A 164 -19.84 -10.68 3.48
N ASN A 165 -19.33 -11.91 3.36
CA ASN A 165 -19.29 -12.81 4.52
C ASN A 165 -18.46 -12.23 5.64
N LEU A 166 -17.37 -11.52 5.30
CA LEU A 166 -16.48 -10.94 6.30
C LEU A 166 -17.08 -9.71 6.98
N THR A 167 -17.64 -8.78 6.19
CA THR A 167 -18.03 -7.50 6.76
C THR A 167 -19.48 -7.43 7.22
N LEU A 168 -20.34 -8.29 6.68
CA LEU A 168 -21.77 -8.28 6.99
C LEU A 168 -22.28 -9.60 7.52
N GLY A 169 -21.64 -10.70 7.14
CA GLY A 169 -22.07 -12.04 7.51
C GLY A 169 -21.37 -12.56 8.74
N LYS A 170 -21.22 -13.88 8.80
CA LYS A 170 -20.76 -14.58 10.00
C LYS A 170 -19.41 -15.26 9.79
N ALA A 171 -18.62 -14.82 8.81
CA ALA A 171 -17.30 -15.42 8.65
C ALA A 171 -16.40 -15.16 9.85
N LEU A 172 -16.56 -14.00 10.48
CA LEU A 172 -15.83 -13.63 11.68
C LEU A 172 -16.80 -13.54 12.86
N GLY A 173 -16.24 -13.64 14.06
CA GLY A 173 -16.98 -13.31 15.26
C GLY A 173 -17.46 -11.88 15.24
N ASP A 174 -18.44 -11.58 16.10
CA ASP A 174 -19.09 -10.28 16.07
C ASP A 174 -18.09 -9.15 16.33
N SER A 175 -17.23 -9.31 17.33
CA SER A 175 -16.29 -8.24 17.65
C SER A 175 -15.24 -8.09 16.56
N GLN A 176 -14.81 -9.21 15.97
CA GLN A 176 -13.85 -9.18 14.87
C GLN A 176 -14.45 -8.53 13.63
N ARG A 177 -15.71 -8.85 13.31
CA ARG A 177 -16.37 -8.20 12.19
C ARG A 177 -16.45 -6.69 12.41
N ALA A 178 -16.81 -6.28 13.63
CA ALA A 178 -16.87 -4.85 13.93
C ALA A 178 -15.51 -4.21 13.75
N GLN A 179 -14.45 -4.89 14.19
CA GLN A 179 -13.11 -4.33 14.06
C GLN A 179 -12.71 -4.17 12.60
N LEU A 180 -13.01 -5.17 11.76
CA LEU A 180 -12.68 -5.06 10.35
C LEU A 180 -13.40 -3.90 9.71
N VAL A 181 -14.70 -3.75 10.00
CA VAL A 181 -15.48 -2.67 9.44
C VAL A 181 -14.97 -1.33 9.93
N THR A 182 -14.62 -1.25 11.22
CA THR A 182 -14.05 -0.02 11.76
C THR A 182 -12.77 0.37 11.03
N TRP A 183 -11.88 -0.60 10.76
CA TRP A 183 -10.65 -0.32 10.04
C TRP A 183 -10.93 0.16 8.62
N MET A 184 -11.85 -0.52 7.92
CA MET A 184 -12.09 -0.16 6.53
C MET A 184 -12.81 1.18 6.43
N LYS A 185 -13.76 1.46 7.33
CA LYS A 185 -14.42 2.76 7.35
C LYS A 185 -13.43 3.86 7.69
N GLY A 186 -12.48 3.58 8.59
CA GLY A 186 -11.50 4.57 8.97
C GLY A 186 -10.42 4.79 7.95
N ASN A 187 -10.39 3.98 6.90
CA ASN A 187 -9.49 4.19 5.79
C ASN A 187 -10.03 5.32 4.93
N THR A 188 -9.37 6.48 4.96
CA THR A 188 -9.85 7.63 4.19
C THR A 188 -9.18 7.75 2.83
N THR A 189 -8.21 6.88 2.51
CA THR A 189 -7.73 6.78 1.13
C THR A 189 -8.81 6.11 0.29
N GLY A 190 -8.65 6.13 -1.03
CA GLY A 190 -9.67 5.58 -1.91
C GLY A 190 -10.79 6.52 -2.31
N ALA A 191 -10.72 7.80 -1.94
CA ALA A 191 -11.81 8.69 -2.29
C ALA A 191 -11.95 8.91 -3.80
N ALA A 192 -10.90 8.64 -4.58
CA ALA A 192 -10.97 8.82 -6.01
C ALA A 192 -11.39 7.56 -6.75
N SER A 193 -11.67 6.48 -6.04
CA SER A 193 -12.02 5.21 -6.67
C SER A 193 -13.53 5.00 -6.52
N ILE A 194 -14.00 3.87 -5.94
CA ILE A 194 -15.45 3.61 -5.90
C ILE A 194 -16.20 4.80 -5.31
N GLN A 195 -15.65 5.41 -4.26
CA GLN A 195 -16.39 6.45 -3.54
C GLN A 195 -16.68 7.66 -4.42
N ALA A 196 -15.81 7.94 -5.39
CA ALA A 196 -16.00 9.10 -6.27
C ALA A 196 -17.19 8.93 -7.21
N GLY A 197 -17.71 7.72 -7.36
CA GLY A 197 -18.90 7.48 -8.15
C GLY A 197 -20.18 7.37 -7.35
N LEU A 198 -20.14 7.63 -6.05
CA LEU A 198 -21.28 7.48 -5.16
C LEU A 198 -21.67 8.82 -4.57
N PRO A 199 -22.93 8.98 -4.16
CA PRO A 199 -23.32 10.19 -3.44
C PRO A 199 -22.49 10.37 -2.17
N ALA A 200 -22.22 11.65 -1.86
CA ALA A 200 -21.34 11.98 -0.73
C ALA A 200 -21.93 11.54 0.60
N SER A 201 -23.24 11.37 0.70
CA SER A 201 -23.86 10.96 1.95
C SER A 201 -23.64 9.48 2.28
N TRP A 202 -23.22 8.68 1.31
CA TRP A 202 -23.09 7.26 1.56
C TRP A 202 -21.81 6.98 2.34
N VAL A 203 -21.87 5.99 3.23
CA VAL A 203 -20.73 5.60 4.03
C VAL A 203 -20.03 4.43 3.33
N VAL A 204 -18.71 4.52 3.21
CA VAL A 204 -17.95 3.53 2.47
C VAL A 204 -16.81 3.02 3.34
N GLY A 205 -16.63 1.70 3.37
CA GLY A 205 -15.42 1.09 3.89
C GLY A 205 -14.75 0.35 2.74
N ASP A 206 -13.60 0.82 2.27
CA ASP A 206 -13.01 0.23 1.07
C ASP A 206 -11.53 -0.09 1.31
N LYS A 207 -10.95 -0.81 0.34
CA LYS A 207 -9.51 -0.99 0.22
C LYS A 207 -9.16 -0.98 -1.26
N THR A 208 -8.28 -0.07 -1.67
CA THR A 208 -7.83 -0.01 -3.06
C THR A 208 -6.65 -0.95 -3.29
N GLY A 209 -6.36 -1.17 -4.56
CA GLY A 209 -5.14 -1.85 -4.94
C GLY A 209 -4.61 -1.26 -6.23
N SER A 210 -3.30 -1.34 -6.41
CA SER A 210 -2.67 -0.86 -7.63
C SER A 210 -1.44 -1.72 -7.90
N GLY A 211 -1.12 -1.88 -9.17
CA GLY A 211 0.04 -2.70 -9.51
C GLY A 211 0.49 -2.48 -10.93
N GLY A 212 1.30 -3.42 -11.41
CA GLY A 212 1.79 -3.35 -12.77
C GLY A 212 0.65 -3.39 -13.76
N TYR A 213 0.99 -3.06 -15.01
CA TYR A 213 0.02 -3.02 -16.10
C TYR A 213 -1.15 -2.09 -15.77
N GLY A 214 -0.86 -1.01 -15.06
CA GLY A 214 -1.88 -0.03 -14.76
C GLY A 214 -3.03 -0.61 -13.97
N THR A 215 -2.79 -1.69 -13.24
CA THR A 215 -3.86 -2.33 -12.48
C THR A 215 -4.35 -1.39 -11.38
N THR A 216 -5.68 -1.20 -11.34
CA THR A 216 -6.34 -0.24 -10.47
C THR A 216 -7.59 -0.92 -9.92
N ASN A 217 -7.62 -1.18 -8.61
CA ASN A 217 -8.67 -1.98 -7.98
C ASN A 217 -9.27 -1.26 -6.79
N ASP A 218 -10.48 -1.69 -6.42
CA ASP A 218 -11.11 -1.22 -5.19
C ASP A 218 -12.17 -2.25 -4.80
N ILE A 219 -12.21 -2.59 -3.52
CA ILE A 219 -13.31 -3.40 -2.98
C ILE A 219 -13.92 -2.66 -1.80
N ALA A 220 -15.25 -2.70 -1.67
CA ALA A 220 -15.91 -1.85 -0.70
C ALA A 220 -17.17 -2.48 -0.13
N VAL A 221 -17.46 -2.14 1.11
CA VAL A 221 -18.79 -2.29 1.68
C VAL A 221 -19.36 -0.88 1.81
N ILE A 222 -20.63 -0.74 1.43
CA ILE A 222 -21.24 0.57 1.19
C ILE A 222 -22.57 0.60 1.90
N TRP A 223 -22.79 1.65 2.69
CA TRP A 223 -24.09 1.87 3.32
C TRP A 223 -24.75 3.07 2.65
N PRO A 224 -25.62 2.85 1.67
CA PRO A 224 -26.32 3.97 1.04
C PRO A 224 -27.31 4.56 2.02
N LYS A 225 -27.65 5.83 1.79
CA LYS A 225 -28.62 6.50 2.64
C LYS A 225 -29.95 5.73 2.63
N ASP A 226 -30.38 5.30 3.82
CA ASP A 226 -31.68 4.65 4.01
C ASP A 226 -31.80 3.34 3.23
N ARG A 227 -30.70 2.62 3.04
CA ARG A 227 -30.75 1.36 2.31
C ARG A 227 -29.87 0.32 2.98
N ALA A 228 -30.23 -0.95 2.77
CA ALA A 228 -29.38 -2.07 3.14
C ALA A 228 -28.02 -1.95 2.45
N PRO A 229 -26.96 -2.49 3.05
CA PRO A 229 -25.63 -2.27 2.48
C PRO A 229 -25.41 -3.00 1.17
N LEU A 230 -24.42 -2.51 0.43
CA LEU A 230 -23.95 -3.09 -0.81
C LEU A 230 -22.53 -3.58 -0.63
N ILE A 231 -22.14 -4.56 -1.44
CA ILE A 231 -20.75 -4.99 -1.59
C ILE A 231 -20.38 -4.74 -3.04
N LEU A 232 -19.26 -4.06 -3.27
CA LEU A 232 -18.87 -3.74 -4.65
C LEU A 232 -17.40 -4.03 -4.83
N VAL A 233 -17.08 -4.85 -5.83
CA VAL A 233 -15.71 -5.12 -6.24
C VAL A 233 -15.53 -4.58 -7.66
N THR A 234 -14.51 -3.74 -7.85
CA THR A 234 -14.17 -3.23 -9.17
C THR A 234 -12.69 -3.46 -9.43
N TYR A 235 -12.38 -4.27 -10.44
CA TYR A 235 -11.02 -4.59 -10.83
C TYR A 235 -10.76 -4.09 -12.25
N PHE A 236 -9.57 -3.54 -12.50
CA PHE A 236 -9.27 -2.98 -13.81
C PHE A 236 -7.79 -3.16 -14.09
N THR A 237 -7.47 -3.59 -15.30
CA THR A 237 -6.07 -3.74 -15.69
C THR A 237 -5.93 -3.43 -17.17
N GLN A 238 -4.70 -3.14 -17.59
CA GLN A 238 -4.44 -2.53 -18.89
C GLN A 238 -3.38 -3.31 -19.64
N PRO A 239 -3.30 -3.13 -20.97
CA PRO A 239 -2.36 -3.96 -21.76
C PRO A 239 -0.90 -3.57 -21.63
N GLN A 240 -0.59 -2.34 -21.27
CA GLN A 240 0.79 -1.83 -21.28
C GLN A 240 1.43 -2.01 -19.91
N PRO A 241 2.62 -2.57 -19.84
CA PRO A 241 3.28 -2.75 -18.53
C PRO A 241 3.37 -1.46 -17.72
N LYS A 242 3.66 -0.33 -18.37
CA LYS A 242 3.86 0.94 -17.67
C LYS A 242 2.63 1.85 -17.70
N ALA A 243 1.44 1.28 -17.93
CA ALA A 243 0.23 2.11 -17.95
C ALA A 243 0.02 2.81 -16.60
N GLU A 244 -0.53 4.01 -16.65
CA GLU A 244 -0.85 4.77 -15.45
C GLU A 244 -2.18 4.33 -14.87
N SER A 245 -2.35 4.57 -13.56
CA SER A 245 -3.58 4.17 -12.88
C SER A 245 -4.81 4.85 -13.46
N ARG A 246 -5.95 4.20 -13.34
CA ARG A 246 -7.23 4.76 -13.80
C ARG A 246 -8.28 4.61 -12.69
N ARG A 247 -8.06 5.34 -11.59
CA ARG A 247 -9.03 5.32 -10.49
C ARG A 247 -10.40 5.75 -10.97
N ASP A 248 -10.43 6.65 -11.96
CA ASP A 248 -11.70 7.18 -12.46
C ASP A 248 -12.55 6.11 -13.11
N VAL A 249 -11.93 5.06 -13.66
CA VAL A 249 -12.70 3.98 -14.26
C VAL A 249 -13.49 3.25 -13.20
N LEU A 250 -12.90 3.08 -12.01
CA LEU A 250 -13.61 2.43 -10.92
C LEU A 250 -14.75 3.30 -10.43
N ALA A 251 -14.52 4.62 -10.34
CA ALA A 251 -15.60 5.54 -9.98
C ALA A 251 -16.73 5.47 -11.00
N SER A 252 -16.38 5.38 -12.29
CA SER A 252 -17.40 5.31 -13.33
C SER A 252 -18.20 4.03 -13.24
N ALA A 253 -17.54 2.89 -12.99
CA ALA A 253 -18.25 1.63 -12.85
C ALA A 253 -19.17 1.65 -11.65
N ALA A 254 -18.70 2.22 -10.54
CA ALA A 254 -19.53 2.33 -9.34
C ALA A 254 -20.78 3.18 -9.62
N LYS A 255 -20.63 4.29 -10.35
CA LYS A 255 -21.79 5.10 -10.70
C LYS A 255 -22.78 4.32 -11.56
N ILE A 256 -22.26 3.56 -12.53
CA ILE A 256 -23.13 2.82 -13.44
C ILE A 256 -23.96 1.79 -12.68
N VAL A 257 -23.35 1.06 -11.75
CA VAL A 257 -24.05 -0.07 -11.15
C VAL A 257 -24.90 0.32 -9.94
N THR A 258 -24.74 1.53 -9.41
CA THR A 258 -25.58 1.99 -8.31
C THR A 258 -26.59 3.05 -8.73
N ASP A 259 -26.67 3.39 -10.01
CA ASP A 259 -27.55 4.46 -10.44
C ASP A 259 -29.00 4.10 -10.13
N GLY A 260 -29.71 5.04 -9.51
CA GLY A 260 -31.08 4.84 -9.10
C GLY A 260 -31.25 4.46 -7.65
N LEU A 261 -30.17 4.06 -6.98
CA LEU A 261 -30.24 3.77 -5.55
C LEU A 261 -30.13 5.06 -4.76
N GLY B 1 1.13 24.24 -4.06
CA GLY B 1 1.16 22.86 -4.49
C GLY B 1 1.38 21.86 -3.36
N VAL B 2 1.53 20.60 -3.73
CA VAL B 2 1.68 19.53 -2.75
C VAL B 2 3.15 19.39 -2.38
N MET B 3 3.45 18.40 -1.53
CA MET B 3 4.84 18.14 -1.19
C MET B 3 5.60 17.65 -2.42
N THR B 4 6.83 18.13 -2.59
CA THR B 4 7.63 17.83 -3.77
C THR B 4 9.05 17.44 -3.37
N GLY B 5 9.76 16.87 -4.34
CA GLY B 5 11.17 16.60 -4.15
C GLY B 5 11.99 17.86 -3.93
N ALA B 6 11.66 18.95 -4.63
CA ALA B 6 12.39 20.20 -4.41
C ALA B 6 12.22 20.69 -2.98
N LYS B 7 11.01 20.57 -2.43
CA LYS B 7 10.79 20.95 -1.05
C LYS B 7 11.54 20.03 -0.10
N PHE B 8 11.55 18.73 -0.40
CA PHE B 8 12.28 17.78 0.42
C PHE B 8 13.78 18.09 0.45
N THR B 9 14.35 18.43 -0.70
CA THR B 9 15.77 18.76 -0.75
C THR B 9 16.08 20.06 -0.03
N GLN B 10 15.15 21.03 -0.08
CA GLN B 10 15.37 22.30 0.59
C GLN B 10 15.35 22.15 2.11
N ILE B 11 14.53 21.22 2.62
CA ILE B 11 14.47 20.96 4.05
C ILE B 11 15.77 20.28 4.48
N GLN B 12 16.37 20.76 5.57
CA GLN B 12 17.66 20.29 6.03
C GLN B 12 17.57 19.65 7.40
N PHE B 13 18.44 18.67 7.65
CA PHE B 13 18.66 18.24 9.01
C PHE B 13 18.99 19.45 9.88
N GLY B 14 18.42 19.48 11.08
CA GLY B 14 18.61 20.59 11.99
C GLY B 14 17.56 21.67 11.95
N MET B 15 16.64 21.64 10.98
CA MET B 15 15.61 22.67 10.94
C MET B 15 14.53 22.39 11.99
N THR B 16 13.84 23.45 12.38
CA THR B 16 12.76 23.32 13.33
C THR B 16 11.50 22.81 12.64
N ARG B 17 10.54 22.38 13.46
CA ARG B 17 9.22 22.00 12.94
C ARG B 17 8.64 23.09 12.06
N GLN B 18 8.67 24.35 12.53
CA GLN B 18 8.02 25.39 11.74
C GLN B 18 8.80 25.74 10.48
N GLN B 19 10.13 25.54 10.50
CA GLN B 19 10.89 25.71 9.26
C GLN B 19 10.50 24.64 8.25
N VAL B 20 10.28 23.41 8.71
CA VAL B 20 9.79 22.35 7.83
C VAL B 20 8.46 22.74 7.22
N LEU B 21 7.52 23.22 8.05
CA LEU B 21 6.20 23.58 7.54
C LEU B 21 6.27 24.80 6.62
N ASP B 22 7.17 25.75 6.91
CA ASP B 22 7.37 26.89 6.01
C ASP B 22 7.64 26.43 4.59
N ILE B 23 8.48 25.41 4.45
CA ILE B 23 8.91 24.95 3.13
C ILE B 23 7.90 23.97 2.53
N ALA B 24 7.42 23.04 3.34
CA ALA B 24 6.57 21.96 2.83
C ALA B 24 5.19 22.47 2.44
N GLY B 25 4.68 23.44 3.19
CA GLY B 25 3.30 23.86 3.06
C GLY B 25 2.45 23.07 4.04
N ALA B 26 2.04 23.72 5.13
CA ALA B 26 1.32 23.04 6.19
C ALA B 26 0.00 22.44 5.71
N GLU B 27 -0.54 22.91 4.59
CA GLU B 27 -1.75 22.32 4.05
C GLU B 27 -1.51 20.88 3.60
N ASN B 28 -0.24 20.51 3.41
CA ASN B 28 0.13 19.16 2.99
C ASN B 28 0.50 18.25 4.14
N CYS B 29 0.56 18.76 5.36
CA CYS B 29 1.26 18.07 6.43
C CYS B 29 0.34 17.77 7.61
N GLU B 30 0.74 16.75 8.36
CA GLU B 30 0.00 16.34 9.56
C GLU B 30 0.99 15.83 10.60
N THR B 31 0.51 15.76 11.84
CA THR B 31 1.25 15.12 12.92
C THR B 31 0.25 14.33 13.74
N GLY B 32 0.75 13.57 14.70
CA GLY B 32 -0.13 12.73 15.49
C GLY B 32 -0.56 11.48 14.77
N GLY B 33 -1.54 10.80 15.36
CA GLY B 33 -2.02 9.56 14.78
C GLY B 33 -0.90 8.54 14.67
N SER B 34 -0.83 7.90 13.50
CA SER B 34 0.20 6.89 13.27
C SER B 34 1.60 7.47 13.15
N PHE B 35 1.73 8.79 13.13
CA PHE B 35 3.03 9.41 12.93
C PHE B 35 3.63 9.98 14.20
N GLY B 36 2.96 9.82 15.34
CA GLY B 36 3.54 10.27 16.59
C GLY B 36 3.80 11.75 16.54
N ASP B 37 4.96 12.16 17.02
CA ASP B 37 5.30 13.58 16.97
C ASP B 37 6.12 13.95 15.73
N SER B 38 6.21 13.05 14.75
CA SER B 38 6.80 13.40 13.48
C SER B 38 5.83 14.23 12.65
N ILE B 39 6.35 14.82 11.57
CA ILE B 39 5.54 15.58 10.61
C ILE B 39 5.56 14.86 9.27
N HIS B 40 4.39 14.57 8.74
CA HIS B 40 4.21 13.76 7.54
C HIS B 40 3.51 14.60 6.49
N CYS B 41 4.14 14.76 5.32
CA CYS B 41 3.66 15.67 4.29
C CYS B 41 3.39 14.91 3.00
N ARG B 42 2.17 15.07 2.48
CA ARG B 42 1.75 14.35 1.28
C ARG B 42 2.07 15.12 0.01
N GLY B 43 2.60 14.37 -0.97
CA GLY B 43 2.72 14.86 -2.33
C GLY B 43 1.56 14.37 -3.19
N HIS B 44 1.85 14.02 -4.45
CA HIS B 44 0.83 13.63 -5.40
C HIS B 44 0.36 12.19 -5.16
N ALA B 45 -0.85 11.90 -5.61
CA ALA B 45 -1.36 10.54 -5.57
C ALA B 45 -0.42 9.57 -6.28
N ALA B 46 -0.11 8.46 -5.60
CA ALA B 46 0.77 7.45 -6.17
C ALA B 46 0.45 6.11 -5.52
N GLY B 47 0.37 5.07 -6.33
CA GLY B 47 0.03 3.76 -5.76
C GLY B 47 -1.33 3.82 -5.11
N ASP B 48 -1.42 3.32 -3.87
CA ASP B 48 -2.62 3.35 -3.07
C ASP B 48 -2.58 4.44 -2.02
N TYR B 49 -1.65 5.38 -2.16
CA TYR B 49 -1.54 6.48 -1.21
C TYR B 49 -1.05 7.69 -1.97
N TYR B 50 0.03 8.31 -1.49
CA TYR B 50 0.61 9.52 -2.05
C TYR B 50 2.11 9.42 -1.93
N ALA B 51 2.84 9.99 -2.89
CA ALA B 51 4.23 10.31 -2.62
C ALA B 51 4.27 11.14 -1.35
N TYR B 52 5.32 10.99 -0.55
CA TYR B 52 5.29 11.67 0.76
C TYR B 52 6.69 11.85 1.31
N ALA B 53 6.79 12.72 2.31
CA ALA B 53 7.94 12.80 3.18
C ALA B 53 7.49 12.62 4.63
N THR B 54 8.36 12.03 5.45
CA THR B 54 8.14 12.05 6.89
C THR B 54 9.39 12.60 7.55
N PHE B 55 9.21 13.60 8.40
CA PHE B 55 10.31 14.25 9.11
C PHE B 55 10.21 13.91 10.58
N GLY B 56 11.31 13.37 11.12
CA GLY B 56 11.42 13.10 12.54
C GLY B 56 12.28 14.15 13.21
N PHE B 57 12.02 14.36 14.50
CA PHE B 57 12.63 15.46 15.23
C PHE B 57 13.31 14.95 16.49
N THR B 58 14.21 15.79 17.03
CA THR B 58 15.00 15.40 18.19
C THR B 58 14.15 15.22 19.45
N SER B 59 12.96 15.79 19.48
CA SER B 59 12.02 15.63 20.59
C SER B 59 10.66 16.10 20.12
N ALA B 60 9.67 16.03 21.03
CA ALA B 60 8.34 16.55 20.77
C ALA B 60 8.27 18.08 20.89
N ALA B 61 9.33 18.73 21.35
CA ALA B 61 9.27 20.15 21.64
C ALA B 61 8.97 20.96 20.39
N ALA B 62 8.37 22.13 20.58
CA ALA B 62 7.89 22.93 19.45
C ALA B 62 9.04 23.43 18.59
N ASP B 63 10.26 23.47 19.14
CA ASP B 63 11.44 23.95 18.45
C ASP B 63 12.49 22.85 18.24
N ALA B 64 12.09 21.58 18.34
CA ALA B 64 13.00 20.48 18.05
C ALA B 64 13.49 20.52 16.60
N LYS B 65 14.59 19.80 16.34
CA LYS B 65 15.29 19.87 15.06
C LYS B 65 15.12 18.57 14.28
N VAL B 66 15.15 18.68 12.94
CA VAL B 66 15.04 17.48 12.10
C VAL B 66 16.24 16.58 12.34
N ASP B 67 15.98 15.33 12.75
CA ASP B 67 17.02 14.31 12.80
C ASP B 67 16.74 13.13 11.90
N SER B 68 15.64 13.15 11.14
CA SER B 68 15.27 12.00 10.31
C SER B 68 14.51 12.51 9.10
N LYS B 69 14.90 12.05 7.90
CA LYS B 69 14.20 12.39 6.66
C LYS B 69 13.90 11.09 5.94
N SER B 70 12.62 10.86 5.64
CA SER B 70 12.21 9.72 4.82
C SER B 70 11.35 10.22 3.67
N GLN B 71 11.46 9.58 2.51
CA GLN B 71 10.60 9.96 1.40
C GLN B 71 10.31 8.78 0.49
N TRP B 72 9.15 8.86 -0.16
CA TRP B 72 8.72 7.88 -1.15
C TRP B 72 8.19 8.65 -2.34
N LYS B 73 8.83 8.43 -3.50
CA LYS B 73 8.41 8.93 -4.81
C LYS B 73 8.44 10.46 -4.91
N LEU B 74 9.24 11.11 -4.07
CA LEU B 74 9.50 12.55 -4.25
C LEU B 74 10.75 12.81 -5.08
N LEU B 75 11.71 11.89 -5.05
CA LEU B 75 13.01 12.07 -5.70
C LEU B 75 13.22 11.01 -6.77
N ALA B 76 13.64 11.44 -7.97
CA ALA B 76 14.06 10.50 -8.99
C ALA B 76 15.57 10.32 -8.97
N PRO B 77 16.05 9.11 -9.26
CA PRO B 77 17.51 8.93 -9.42
C PRO B 77 18.01 9.74 -10.60
N SER B 78 19.17 10.38 -10.41
CA SER B 78 19.64 11.33 -11.42
C SER B 78 20.20 10.64 -12.66
N ALA B 79 20.74 9.44 -12.51
CA ALA B 79 21.26 8.68 -13.65
C ALA B 79 21.26 7.20 -13.32
N PRO B 80 20.11 6.55 -13.31
CA PRO B 80 20.04 5.16 -12.84
C PRO B 80 20.80 4.23 -13.78
N THR B 81 21.74 3.47 -13.20
CA THR B 81 22.53 2.52 -13.98
C THR B 81 22.69 1.20 -13.24
N LEU B 82 21.86 0.94 -12.22
CA LEU B 82 21.94 -0.31 -11.49
C LEU B 82 21.56 -1.49 -12.38
N THR B 83 22.25 -2.60 -12.20
CA THR B 83 21.94 -3.85 -12.87
C THR B 83 21.98 -4.97 -11.84
N LEU B 84 21.48 -6.14 -12.23
CA LEU B 84 21.59 -7.29 -11.34
C LEU B 84 23.06 -7.61 -11.05
N ALA B 85 23.92 -7.50 -12.08
CA ALA B 85 25.34 -7.77 -11.88
C ALA B 85 25.96 -6.82 -10.87
N LYS B 86 25.63 -5.51 -10.96
CA LYS B 86 26.17 -4.55 -10.01
C LYS B 86 25.63 -4.79 -8.61
N PHE B 87 24.35 -5.15 -8.49
CA PHE B 87 23.80 -5.55 -7.20
C PHE B 87 24.58 -6.72 -6.62
N ASN B 88 24.93 -7.70 -7.46
CA ASN B 88 25.66 -8.86 -6.97
C ASN B 88 27.09 -8.50 -6.60
N GLN B 89 27.59 -7.36 -7.07
CA GLN B 89 28.92 -6.90 -6.74
C GLN B 89 28.97 -6.21 -5.38
N VAL B 90 27.81 -5.80 -4.85
CA VAL B 90 27.72 -5.16 -3.53
C VAL B 90 27.85 -6.25 -2.46
N THR B 91 28.59 -5.95 -1.39
CA THR B 91 28.85 -6.93 -0.35
C THR B 91 28.63 -6.30 1.02
N VAL B 92 27.92 -7.03 1.91
CA VAL B 92 27.79 -6.60 3.29
C VAL B 92 29.17 -6.35 3.88
N GLY B 93 29.32 -5.24 4.60
CA GLY B 93 30.59 -4.80 5.12
C GLY B 93 31.24 -3.70 4.30
N MET B 94 30.79 -3.47 3.07
CA MET B 94 31.27 -2.33 2.29
C MET B 94 30.89 -1.02 2.96
N THR B 95 31.72 0.00 2.72
CA THR B 95 31.36 1.36 3.09
C THR B 95 30.40 1.96 2.08
N ARG B 96 29.73 3.03 2.51
CA ARG B 96 28.82 3.75 1.62
C ARG B 96 29.51 4.16 0.32
N ALA B 97 30.74 4.68 0.41
CA ALA B 97 31.46 5.09 -0.80
C ALA B 97 31.69 3.92 -1.73
N GLN B 98 32.07 2.77 -1.18
CA GLN B 98 32.28 1.59 -2.01
C GLN B 98 30.98 1.15 -2.68
N VAL B 99 29.86 1.20 -1.97
CA VAL B 99 28.59 0.78 -2.56
C VAL B 99 28.20 1.70 -3.70
N LEU B 100 28.29 3.02 -3.48
CA LEU B 100 27.85 3.97 -4.51
C LEU B 100 28.71 3.87 -5.77
N ALA B 101 30.01 3.64 -5.61
CA ALA B 101 30.86 3.46 -6.78
C ALA B 101 30.47 2.19 -7.54
N THR B 102 29.96 1.19 -6.83
CA THR B 102 29.57 -0.08 -7.44
C THR B 102 28.25 0.05 -8.19
N VAL B 103 27.23 0.64 -7.55
CA VAL B 103 25.89 0.66 -8.14
C VAL B 103 25.68 1.87 -9.05
N GLY B 104 26.54 2.87 -8.97
CA GLY B 104 26.37 4.06 -9.78
C GLY B 104 26.01 5.26 -8.94
N GLN B 105 26.72 6.37 -9.12
CA GLN B 105 26.50 7.55 -8.29
C GLN B 105 25.15 8.19 -8.52
N GLY B 106 24.50 7.91 -9.65
CA GLY B 106 23.17 8.42 -9.93
C GLY B 106 22.05 7.40 -9.84
N SER B 107 22.30 6.24 -9.27
CA SER B 107 21.31 5.17 -9.27
C SER B 107 20.38 5.20 -8.07
N CYS B 108 20.76 5.87 -6.99
CA CYS B 108 20.03 5.74 -5.74
C CYS B 108 19.40 7.07 -5.33
N THR B 109 18.34 6.95 -4.54
CA THR B 109 17.78 8.05 -3.78
C THR B 109 17.77 7.64 -2.32
N THR B 110 17.66 8.61 -1.42
CA THR B 110 17.68 8.32 0.00
C THR B 110 16.26 8.05 0.48
N TRP B 111 16.01 6.81 0.90
CA TRP B 111 14.70 6.41 1.40
C TRP B 111 14.50 6.88 2.82
N SER B 112 15.47 6.61 3.70
CA SER B 112 15.40 7.10 5.06
C SER B 112 16.82 7.38 5.53
N GLU B 113 16.94 8.35 6.43
CA GLU B 113 18.24 8.79 6.91
C GLU B 113 18.02 9.36 8.29
N TYR B 114 18.65 8.76 9.30
CA TYR B 114 18.34 9.04 10.70
C TYR B 114 19.62 9.19 11.49
N TYR B 115 19.69 10.26 12.28
CA TYR B 115 20.82 10.58 13.15
C TYR B 115 20.36 10.50 14.60
N PRO B 116 20.47 9.34 15.25
CA PRO B 116 19.98 9.22 16.64
C PRO B 116 20.73 10.09 17.63
N ALA B 117 21.93 10.57 17.29
CA ALA B 117 22.69 11.45 18.16
C ALA B 117 22.83 12.85 17.56
N TYR B 118 21.91 13.24 16.66
CA TYR B 118 22.00 14.52 15.97
C TYR B 118 22.33 15.65 16.96
N PRO B 119 23.32 16.52 16.66
CA PRO B 119 24.02 16.71 15.39
C PRO B 119 25.15 15.73 15.12
N SER B 120 25.52 14.89 16.09
CA SER B 120 26.55 13.89 15.88
C SER B 120 26.08 12.87 14.86
N THR B 121 27.02 12.36 14.06
CA THR B 121 26.71 11.31 13.09
C THR B 121 26.91 9.90 13.64
N ALA B 122 27.26 9.75 14.92
CA ALA B 122 27.42 8.43 15.50
C ALA B 122 26.10 7.68 15.49
N GLY B 123 26.12 6.45 14.98
CA GLY B 123 24.92 5.65 14.92
C GLY B 123 24.00 5.93 13.75
N VAL B 124 24.44 6.75 12.79
CA VAL B 124 23.58 7.11 11.65
C VAL B 124 23.09 5.84 10.95
N THR B 125 21.80 5.80 10.63
CA THR B 125 21.26 4.71 9.84
C THR B 125 20.74 5.28 8.53
N LEU B 126 20.89 4.50 7.47
CA LEU B 126 20.64 4.99 6.13
C LEU B 126 20.02 3.86 5.30
N SER B 127 18.90 4.16 4.64
CA SER B 127 18.35 3.26 3.63
C SER B 127 18.37 3.96 2.28
N LEU B 128 18.99 3.33 1.29
CA LEU B 128 18.96 3.79 -0.09
C LEU B 128 18.02 2.93 -0.91
N SER B 129 17.26 3.57 -1.79
CA SER B 129 16.52 2.88 -2.86
C SER B 129 17.27 3.14 -4.16
N CYS B 130 17.65 2.07 -4.84
CA CYS B 130 18.45 2.18 -6.05
C CYS B 130 17.72 1.49 -7.20
N PHE B 131 17.90 2.02 -8.42
CA PHE B 131 17.03 1.67 -9.53
C PHE B 131 17.83 1.38 -10.80
N ASP B 132 17.32 0.43 -11.58
CA ASP B 132 17.92 0.28 -12.90
C ASP B 132 17.37 1.35 -13.83
N VAL B 133 17.77 1.30 -15.10
CA VAL B 133 17.61 2.44 -16.00
C VAL B 133 16.16 2.89 -16.10
N ASP B 134 15.20 1.97 -16.03
CA ASP B 134 13.79 2.35 -16.13
C ASP B 134 12.98 1.80 -14.96
N GLY B 135 13.61 1.58 -13.81
CA GLY B 135 12.92 0.98 -12.69
C GLY B 135 12.14 1.93 -11.81
N TYR B 136 12.50 3.20 -11.82
CA TYR B 136 11.83 4.20 -10.99
C TYR B 136 10.58 4.73 -11.67
N SER B 137 9.52 4.88 -10.89
CA SER B 137 8.35 5.63 -11.30
C SER B 137 7.92 6.51 -10.14
N SER B 138 7.52 7.75 -10.44
CA SER B 138 7.00 8.59 -9.38
C SER B 138 5.53 8.34 -9.12
N THR B 139 4.87 7.48 -9.90
CA THR B 139 3.44 7.25 -9.69
C THR B 139 3.10 5.78 -9.52
N GLY B 140 3.70 4.91 -10.33
CA GLY B 140 3.34 3.51 -10.36
C GLY B 140 4.43 2.58 -9.86
N PHE B 141 4.22 1.30 -10.15
CA PHE B 141 4.97 0.20 -9.56
C PHE B 141 6.42 0.15 -10.07
N TYR B 142 7.38 0.04 -9.14
CA TYR B 142 8.79 -0.07 -9.53
C TYR B 142 8.99 -1.24 -10.48
N ARG B 143 9.94 -1.07 -11.41
CA ARG B 143 10.27 -2.10 -12.40
C ARG B 143 11.76 -2.46 -12.34
N GLY B 144 12.24 -2.85 -11.17
CA GLY B 144 13.66 -3.13 -10.99
C GLY B 144 14.33 -2.19 -9.98
N SER B 145 14.48 -2.65 -8.74
CA SER B 145 14.94 -1.77 -7.68
C SER B 145 15.61 -2.58 -6.57
N ALA B 146 16.31 -1.86 -5.70
CA ALA B 146 17.04 -2.46 -4.60
C ALA B 146 16.95 -1.59 -3.36
N HIS B 147 17.01 -2.24 -2.21
CA HIS B 147 17.11 -1.59 -0.92
C HIS B 147 18.48 -1.93 -0.33
N LEU B 148 19.28 -0.91 -0.04
CA LEU B 148 20.60 -1.06 0.55
C LEU B 148 20.60 -0.29 1.86
N TRP B 149 20.94 -0.95 2.97
CA TRP B 149 20.87 -0.24 4.24
C TRP B 149 22.17 -0.33 5.02
N PHE B 150 22.42 0.71 5.80
CA PHE B 150 23.69 0.96 6.45
C PHE B 150 23.48 1.37 7.90
N THR B 151 24.45 1.04 8.74
CA THR B 151 24.60 1.67 10.05
C THR B 151 26.04 2.12 10.17
N ASP B 152 26.23 3.35 10.66
CA ASP B 152 27.58 3.90 10.79
C ASP B 152 28.37 3.78 9.48
N GLY B 153 27.67 3.99 8.36
CA GLY B 153 28.31 4.01 7.06
C GLY B 153 28.74 2.66 6.51
N VAL B 154 28.32 1.56 7.13
CA VAL B 154 28.69 0.22 6.70
C VAL B 154 27.44 -0.51 6.24
N LEU B 155 27.52 -1.12 5.07
CA LEU B 155 26.37 -1.85 4.53
C LEU B 155 26.05 -3.05 5.41
N GLN B 156 24.81 -3.09 5.93
CA GLN B 156 24.37 -4.21 6.74
C GLN B 156 23.54 -5.23 5.98
N GLY B 157 22.94 -4.83 4.86
CA GLY B 157 22.16 -5.78 4.09
C GLY B 157 21.75 -5.17 2.77
N LYS B 158 21.29 -6.06 1.88
CA LYS B 158 20.81 -5.66 0.57
C LYS B 158 19.69 -6.59 0.16
N ARG B 159 18.71 -6.03 -0.57
CA ARG B 159 17.66 -6.82 -1.21
C ARG B 159 17.34 -6.18 -2.55
N GLN B 160 16.91 -7.01 -3.50
CA GLN B 160 16.53 -6.49 -4.81
C GLN B 160 15.27 -7.20 -5.28
N TRP B 161 14.56 -6.52 -6.19
CA TRP B 161 13.40 -7.07 -6.87
C TRP B 161 13.46 -6.70 -8.35
N ASP B 162 13.41 -7.72 -9.22
CA ASP B 162 13.22 -7.57 -10.66
C ASP B 162 14.40 -6.93 -11.38
N LEU B 163 15.61 -6.96 -10.81
CA LEU B 163 16.76 -6.50 -11.56
C LEU B 163 17.16 -7.52 -12.61
N VAL B 164 17.74 -7.04 -13.71
CA VAL B 164 18.18 -7.93 -14.78
C VAL B 164 19.67 -7.72 -15.09
#